data_2YEM
#
_entry.id   2YEM
#
_cell.length_a   59.674
_cell.length_b   73.492
_cell.length_c   74.362
_cell.angle_alpha   90.00
_cell.angle_beta   90.00
_cell.angle_gamma   90.00
#
_symmetry.space_group_name_H-M   'P 21 21 21'
#
loop_
_entity.id
_entity.type
_entity.pdbx_description
1 polymer 'BROMODOMAIN-CONTAINING PROTEIN 4'
2 non-polymer 'BENZYL [(4R)-1-METHYL-6-PHENYL-4H-[1,2,4]TRIAZOLO[4,3-A][1,4]BENZODIAZEPIN-4-YL]CARBAMATE'
3 water water
#
_entity_poly.entity_id   1
_entity_poly.type   'polypeptide(L)'
_entity_poly.pdbx_seq_one_letter_code
;SMKDVPDSQQHPAPEKSSKVSEQLKCCSGILKEMFAKKHAAYAWPFYKPVDVEALGLHDYCDIIKHPMDMSTIKSKLEAR
EYRDAQEFGADVRLMFSNCYKYNPPDHEVVAMARKLQDVFEMRFAKMPDE
;
_entity_poly.pdbx_strand_id   A,B
#
# COMPACT_ATOMS: atom_id res chain seq x y z
N LYS A 19 7.24 12.90 18.70
CA LYS A 19 7.27 12.13 17.41
C LYS A 19 5.92 11.50 17.12
N VAL A 20 5.43 10.69 18.05
CA VAL A 20 4.19 9.94 17.82
C VAL A 20 2.98 10.85 17.68
N SER A 21 2.87 11.85 18.56
CA SER A 21 1.79 12.84 18.48
C SER A 21 1.87 13.64 17.18
N GLU A 22 3.09 13.98 16.76
CA GLU A 22 3.34 14.67 15.49
C GLU A 22 2.87 13.85 14.29
N GLN A 23 3.17 12.56 14.31
CA GLN A 23 2.81 11.70 13.21
C GLN A 23 1.30 11.45 13.15
N LEU A 24 0.66 11.29 14.30
CA LEU A 24 -0.80 11.18 14.35
C LEU A 24 -1.47 12.47 13.90
N LYS A 25 -0.85 13.61 14.21
CA LYS A 25 -1.29 14.91 13.70
C LYS A 25 -1.25 14.90 12.16
N CYS A 26 -0.15 14.42 11.60
CA CYS A 26 -0.02 14.32 10.14
CA CYS A 26 -0.02 14.33 10.14
C CYS A 26 -1.08 13.39 9.55
N CYS A 27 -1.28 12.25 10.19
CA CYS A 27 -2.31 11.27 9.79
C CYS A 27 -3.71 11.87 9.73
N SER A 28 -4.04 12.73 10.70
CA SER A 28 -5.31 13.43 10.69
CA SER A 28 -5.31 13.45 10.70
C SER A 28 -5.41 14.34 9.47
N GLY A 29 -4.29 14.97 9.10
CA GLY A 29 -4.22 15.84 7.92
C GLY A 29 -4.38 15.05 6.62
N ILE A 30 -3.89 13.80 6.62
CA ILE A 30 -3.99 12.93 5.45
C ILE A 30 -5.43 12.50 5.20
N LEU A 31 -6.09 12.05 6.27
CA LEU A 31 -7.50 11.64 6.20
C LEU A 31 -8.37 12.83 5.77
N LYS A 32 -8.07 14.01 6.29
CA LYS A 32 -8.81 15.19 5.91
C LYS A 32 -8.68 15.48 4.41
N GLU A 33 -7.50 15.22 3.86
CA GLU A 33 -7.26 15.41 2.43
C GLU A 33 -8.08 14.41 1.64
N MET A 34 -8.13 13.17 2.13
CA MET A 34 -8.85 12.11 1.46
C MET A 34 -10.34 12.37 1.42
N PHE A 35 -10.84 13.12 2.41
CA PHE A 35 -12.25 13.56 2.46
C PHE A 35 -12.53 14.83 1.65
N ALA A 36 -11.49 15.47 1.10
CA ALA A 36 -11.63 16.79 0.47
C ALA A 36 -12.34 16.72 -0.88
N LYS A 37 -13.06 17.78 -1.24
CA LYS A 37 -13.89 17.81 -2.46
C LYS A 37 -13.08 17.49 -3.72
N LYS A 38 -11.83 17.94 -3.74
CA LYS A 38 -10.84 17.62 -4.78
C LYS A 38 -10.83 16.14 -5.20
N HIS A 39 -10.98 15.24 -4.23
CA HIS A 39 -10.88 13.80 -4.47
C HIS A 39 -12.23 13.07 -4.43
N ALA A 40 -13.32 13.82 -4.33
CA ALA A 40 -14.66 13.25 -4.12
C ALA A 40 -15.11 12.21 -5.16
N ALA A 41 -14.70 12.39 -6.41
CA ALA A 41 -15.14 11.55 -7.53
C ALA A 41 -14.63 10.11 -7.47
N TYR A 42 -13.51 9.89 -6.78
CA TYR A 42 -13.00 8.54 -6.54
C TYR A 42 -12.99 8.15 -5.05
N ALA A 43 -13.07 9.13 -4.15
CA ALA A 43 -13.07 8.82 -2.71
C ALA A 43 -14.42 8.36 -2.20
N TRP A 44 -15.52 8.84 -2.80
CA TRP A 44 -16.82 8.69 -2.17
C TRP A 44 -17.22 7.26 -1.74
N PRO A 45 -16.81 6.22 -2.49
CA PRO A 45 -17.26 4.89 -2.06
C PRO A 45 -16.67 4.45 -0.72
N PHE A 46 -15.61 5.13 -0.27
CA PHE A 46 -14.89 4.77 0.95
C PHE A 46 -15.27 5.60 2.18
N TYR A 47 -16.17 6.57 2.00
CA TYR A 47 -16.57 7.47 3.08
C TYR A 47 -17.18 6.76 4.28
N LYS A 48 -18.02 5.77 4.01
CA LYS A 48 -18.82 5.13 5.05
C LYS A 48 -18.68 3.61 4.95
N PRO A 49 -19.04 2.90 6.03
CA PRO A 49 -19.04 1.45 5.94
C PRO A 49 -19.86 1.00 4.73
N VAL A 50 -19.43 -0.11 4.14
CA VAL A 50 -20.12 -0.69 3.01
C VAL A 50 -21.52 -1.10 3.44
N ASP A 51 -22.53 -0.52 2.80
CA ASP A 51 -23.92 -0.87 3.08
C ASP A 51 -24.31 -2.11 2.27
N VAL A 52 -24.00 -3.28 2.83
CA VAL A 52 -24.21 -4.55 2.14
C VAL A 52 -25.68 -4.79 1.77
N GLU A 53 -26.59 -4.42 2.67
CA GLU A 53 -28.02 -4.61 2.46
C GLU A 53 -28.53 -3.75 1.31
N ALA A 54 -28.28 -2.45 1.37
CA ALA A 54 -28.64 -1.56 0.26
C ALA A 54 -28.02 -2.01 -1.07
N LEU A 55 -26.73 -2.32 -1.05
CA LEU A 55 -25.98 -2.70 -2.26
C LEU A 55 -26.30 -4.10 -2.77
N GLY A 56 -26.98 -4.91 -1.98
CA GLY A 56 -27.30 -6.27 -2.38
C GLY A 56 -26.08 -7.15 -2.48
N LEU A 57 -25.12 -6.95 -1.59
CA LEU A 57 -23.90 -7.75 -1.55
C LEU A 57 -24.08 -8.90 -0.57
N HIS A 58 -24.75 -9.95 -1.03
CA HIS A 58 -25.05 -11.15 -0.21
C HIS A 58 -23.80 -11.81 0.40
N ASP A 59 -22.69 -11.79 -0.32
CA ASP A 59 -21.46 -12.49 0.10
C ASP A 59 -20.33 -11.62 0.69
N TYR A 60 -20.59 -10.33 0.95
CA TYR A 60 -19.53 -9.43 1.43
C TYR A 60 -18.91 -9.86 2.76
N CYS A 61 -19.75 -10.31 3.70
CA CYS A 61 -19.26 -10.72 5.02
C CYS A 61 -18.66 -12.13 5.01
N ASP A 62 -18.98 -12.92 3.99
CA ASP A 62 -18.34 -14.22 3.80
C ASP A 62 -16.86 -14.02 3.43
N ILE A 63 -16.61 -13.02 2.59
CA ILE A 63 -15.28 -12.79 2.01
C ILE A 63 -14.44 -11.79 2.80
N ILE A 64 -15.08 -10.75 3.33
CA ILE A 64 -14.39 -9.68 4.05
C ILE A 64 -14.65 -9.79 5.54
N LYS A 65 -13.62 -10.15 6.30
CA LYS A 65 -13.76 -10.41 7.73
C LYS A 65 -13.57 -9.17 8.58
N HIS A 66 -12.74 -8.22 8.12
CA HIS A 66 -12.51 -6.98 8.86
C HIS A 66 -12.80 -5.75 8.00
N PRO A 67 -14.09 -5.39 7.88
CA PRO A 67 -14.47 -4.22 7.07
C PRO A 67 -13.93 -2.91 7.63
N MET A 68 -13.61 -1.97 6.75
CA MET A 68 -13.02 -0.71 7.17
C MET A 68 -13.36 0.39 6.17
N ASP A 69 -13.48 1.61 6.67
CA ASP A 69 -13.86 2.76 5.86
C ASP A 69 -13.31 4.04 6.47
N MET A 70 -13.42 5.15 5.78
CA MET A 70 -12.81 6.39 6.24
C MET A 70 -13.46 7.01 7.49
N SER A 71 -14.76 6.81 7.66
CA SER A 71 -15.45 7.32 8.85
C SER A 71 -15.06 6.56 10.11
N THR A 72 -14.89 5.25 10.00
CA THR A 72 -14.47 4.43 11.13
C THR A 72 -13.03 4.79 11.52
N ILE A 73 -12.19 5.04 10.51
CA ILE A 73 -10.82 5.50 10.74
C ILE A 73 -10.82 6.89 11.39
N LYS A 74 -11.71 7.77 10.95
CA LYS A 74 -11.82 9.09 11.55
C LYS A 74 -12.21 8.98 13.03
N SER A 75 -13.26 8.20 13.32
CA SER A 75 -13.67 7.96 14.69
C SER A 75 -12.57 7.40 15.57
N LYS A 76 -11.78 6.48 15.02
CA LYS A 76 -10.69 5.88 15.79
C LYS A 76 -9.62 6.91 16.12
N LEU A 77 -9.29 7.78 15.17
CA LEU A 77 -8.34 8.88 15.39
C LEU A 77 -8.80 9.81 16.49
N GLU A 78 -10.05 10.25 16.37
CA GLU A 78 -10.64 11.20 17.30
C GLU A 78 -10.84 10.61 18.69
N ALA A 79 -11.08 9.29 18.75
CA ALA A 79 -11.09 8.59 20.04
C ALA A 79 -9.66 8.26 20.52
N ARG A 80 -8.65 8.70 19.78
CA ARG A 80 -7.23 8.46 20.11
C ARG A 80 -6.92 6.97 20.31
N GLU A 81 -7.44 6.14 19.41
CA GLU A 81 -7.30 4.68 19.54
C GLU A 81 -6.07 4.13 18.80
N TYR A 82 -5.42 4.95 17.98
CA TYR A 82 -4.18 4.54 17.34
C TYR A 82 -3.02 4.92 18.23
N ARG A 83 -2.15 3.95 18.49
CA ARG A 83 -0.98 4.18 19.33
C ARG A 83 0.22 4.67 18.55
N ASP A 84 0.16 4.54 17.22
CA ASP A 84 1.16 5.14 16.32
C ASP A 84 0.63 5.21 14.87
N ALA A 85 1.38 5.90 14.02
CA ALA A 85 0.98 6.18 12.64
C ALA A 85 0.81 4.91 11.80
N GLN A 86 1.63 3.90 12.08
CA GLN A 86 1.55 2.64 11.35
C GLN A 86 0.22 1.93 11.59
N GLU A 87 -0.34 2.03 12.79
CA GLU A 87 -1.66 1.44 13.06
C GLU A 87 -2.72 2.11 12.19
N PHE A 88 -2.65 3.44 12.11
CA PHE A 88 -3.50 4.20 11.21
C PHE A 88 -3.27 3.77 9.75
N GLY A 89 -2.01 3.70 9.35
CA GLY A 89 -1.65 3.21 8.03
C GLY A 89 -2.20 1.84 7.71
N ALA A 90 -2.15 0.92 8.67
CA ALA A 90 -2.65 -0.45 8.46
C ALA A 90 -4.18 -0.49 8.21
N ASP A 91 -4.91 0.44 8.84
CA ASP A 91 -6.37 0.52 8.67
C ASP A 91 -6.73 1.06 7.30
N VAL A 92 -6.00 2.05 6.82
CA VAL A 92 -6.24 2.60 5.51
C VAL A 92 -5.97 1.55 4.44
N ARG A 93 -4.87 0.84 4.58
CA ARG A 93 -4.50 -0.21 3.63
C ARG A 93 -5.45 -1.39 3.68
N LEU A 94 -6.05 -1.62 4.85
CA LEU A 94 -7.05 -2.68 5.02
C LEU A 94 -8.30 -2.32 4.22
N MET A 95 -8.75 -1.08 4.36
CA MET A 95 -9.85 -0.55 3.55
C MET A 95 -9.63 -0.84 2.07
N PHE A 96 -8.46 -0.45 1.55
CA PHE A 96 -8.16 -0.64 0.15
C PHE A 96 -8.04 -2.13 -0.21
N SER A 97 -7.37 -2.90 0.63
CA SER A 97 -7.23 -4.34 0.38
C SER A 97 -8.58 -5.05 0.33
N ASN A 98 -9.49 -4.68 1.23
CA ASN A 98 -10.82 -5.31 1.23
C ASN A 98 -11.47 -5.09 -0.14
N CYS A 99 -11.36 -3.86 -0.65
CA CYS A 99 -11.85 -3.54 -1.99
C CYS A 99 -11.23 -4.44 -3.07
N TYR A 100 -9.90 -4.56 -3.06
CA TYR A 100 -9.22 -5.40 -4.04
C TYR A 100 -9.53 -6.89 -3.86
N LYS A 101 -9.73 -7.33 -2.62
CA LYS A 101 -10.05 -8.74 -2.39
C LYS A 101 -11.43 -9.08 -2.93
N TYR A 102 -12.40 -8.20 -2.70
CA TYR A 102 -13.79 -8.51 -2.99
C TYR A 102 -14.15 -8.36 -4.47
N ASN A 103 -13.56 -7.37 -5.13
CA ASN A 103 -13.93 -7.03 -6.52
C ASN A 103 -12.94 -7.56 -7.55
N PRO A 104 -13.42 -7.80 -8.79
CA PRO A 104 -12.48 -8.17 -9.85
C PRO A 104 -11.59 -6.99 -10.22
N PRO A 105 -10.39 -7.26 -10.76
CA PRO A 105 -9.40 -6.20 -11.08
C PRO A 105 -9.86 -5.12 -12.06
N ASP A 106 -10.82 -5.43 -12.92
CA ASP A 106 -11.36 -4.47 -13.88
C ASP A 106 -12.59 -3.71 -13.34
N HIS A 107 -12.90 -3.85 -12.06
CA HIS A 107 -14.12 -3.23 -11.52
C HIS A 107 -13.96 -1.72 -11.36
N GLU A 108 -15.06 -1.00 -11.53
CA GLU A 108 -15.07 0.46 -11.44
C GLU A 108 -14.59 0.94 -10.07
N VAL A 109 -14.99 0.22 -9.01
CA VAL A 109 -14.59 0.58 -7.64
C VAL A 109 -13.12 0.31 -7.36
N VAL A 110 -12.51 -0.65 -8.05
CA VAL A 110 -11.06 -0.86 -7.90
C VAL A 110 -10.26 0.31 -8.49
N ALA A 111 -10.71 0.80 -9.65
CA ALA A 111 -10.08 1.96 -10.27
C ALA A 111 -10.15 3.16 -9.33
N MET A 112 -11.28 3.36 -8.67
CA MET A 112 -11.39 4.45 -7.70
C MET A 112 -10.46 4.23 -6.48
N ALA A 113 -10.43 3.00 -5.96
CA ALA A 113 -9.57 2.67 -4.82
C ALA A 113 -8.10 3.01 -5.08
N ARG A 114 -7.61 2.68 -6.26
CA ARG A 114 -6.20 2.93 -6.62
C ARG A 114 -5.90 4.40 -6.74
N LYS A 115 -6.87 5.17 -7.23
CA LYS A 115 -6.69 6.61 -7.33
C LYS A 115 -6.58 7.22 -5.95
N LEU A 116 -7.41 6.75 -5.02
CA LEU A 116 -7.38 7.28 -3.68
C LEU A 116 -6.13 6.81 -2.94
N GLN A 117 -5.71 5.57 -3.19
CA GLN A 117 -4.48 5.07 -2.60
C GLN A 117 -3.23 5.84 -3.11
N ASP A 118 -3.26 6.34 -4.35
CA ASP A 118 -2.24 7.29 -4.82
C ASP A 118 -2.07 8.41 -3.80
N VAL A 119 -3.19 9.01 -3.42
CA VAL A 119 -3.18 10.16 -2.52
C VAL A 119 -2.63 9.76 -1.14
N PHE A 120 -3.14 8.67 -0.59
CA PHE A 120 -2.68 8.21 0.69
C PHE A 120 -1.17 7.87 0.71
N GLU A 121 -0.74 7.02 -0.22
CA GLU A 121 0.63 6.50 -0.20
C GLU A 121 1.67 7.60 -0.31
N MET A 122 1.39 8.60 -1.15
CA MET A 122 2.31 9.71 -1.34
C MET A 122 2.45 10.58 -0.09
N ARG A 123 1.33 10.90 0.56
CA ARG A 123 1.36 11.71 1.80
C ARG A 123 1.94 10.91 2.98
N PHE A 124 1.55 9.65 3.08
CA PHE A 124 1.99 8.78 4.17
C PHE A 124 3.50 8.58 4.19
N ALA A 125 4.10 8.42 3.02
CA ALA A 125 5.56 8.24 2.90
C ALA A 125 6.35 9.48 3.32
N LYS A 126 5.73 10.65 3.23
CA LYS A 126 6.40 11.92 3.51
C LYS A 126 6.09 12.49 4.91
N MET A 127 5.65 11.60 5.80
CA MET A 127 5.47 11.92 7.21
C MET A 127 6.85 12.19 7.85
N PRO A 128 6.90 13.11 8.84
CA PRO A 128 8.15 13.28 9.58
C PRO A 128 8.34 12.19 10.63
N LYS B 19 -0.03 -23.66 6.56
CA LYS B 19 -0.87 -22.49 6.15
C LYS B 19 0.00 -21.26 5.94
N VAL B 20 0.91 -21.01 6.89
CA VAL B 20 1.93 -19.97 6.73
C VAL B 20 2.93 -20.36 5.63
N SER B 21 3.20 -21.65 5.51
CA SER B 21 4.06 -22.18 4.44
C SER B 21 3.47 -21.92 3.06
N GLU B 22 2.17 -22.20 2.90
CA GLU B 22 1.49 -22.01 1.62
C GLU B 22 1.36 -20.53 1.23
N GLN B 23 1.23 -19.66 2.22
CA GLN B 23 1.14 -18.22 1.97
C GLN B 23 2.46 -17.66 1.45
N LEU B 24 3.57 -18.17 1.99
CA LEU B 24 4.90 -17.74 1.54
C LEU B 24 5.19 -18.25 0.13
N LYS B 25 4.63 -19.40 -0.24
CA LYS B 25 4.69 -19.88 -1.61
C LYS B 25 3.96 -18.93 -2.57
N CYS B 26 2.81 -18.40 -2.14
CA CYS B 26 2.06 -17.45 -2.96
CA CYS B 26 2.05 -17.44 -2.95
C CYS B 26 2.79 -16.12 -3.09
N CYS B 27 3.43 -15.66 -2.01
CA CYS B 27 4.25 -14.45 -2.05
C CYS B 27 5.39 -14.57 -3.06
N SER B 28 5.98 -15.76 -3.11
CA SER B 28 7.00 -16.06 -4.11
C SER B 28 6.41 -15.99 -5.51
N GLY B 29 5.18 -16.50 -5.66
CA GLY B 29 4.42 -16.32 -6.89
C GLY B 29 4.16 -14.86 -7.24
N ILE B 30 3.79 -14.06 -6.24
CA ILE B 30 3.53 -12.64 -6.45
C ILE B 30 4.78 -11.89 -6.92
N LEU B 31 5.90 -12.11 -6.23
CA LEU B 31 7.15 -11.46 -6.60
C LEU B 31 7.58 -11.90 -8.00
N LYS B 32 7.35 -13.17 -8.32
CA LYS B 32 7.66 -13.71 -9.65
C LYS B 32 6.88 -12.99 -10.74
N GLU B 33 5.63 -12.64 -10.48
CA GLU B 33 4.85 -11.90 -11.47
C GLU B 33 5.31 -10.45 -11.58
N MET B 34 5.70 -9.84 -10.47
CA MET B 34 6.24 -8.48 -10.49
C MET B 34 7.52 -8.41 -11.36
N PHE B 35 8.25 -9.53 -11.42
CA PHE B 35 9.43 -9.66 -12.27
C PHE B 35 9.10 -10.00 -13.72
N ALA B 36 7.86 -10.41 -14.00
CA ALA B 36 7.50 -10.90 -15.33
C ALA B 36 7.55 -9.78 -16.38
N LYS B 37 7.67 -10.17 -17.64
CA LYS B 37 7.94 -9.24 -18.74
C LYS B 37 6.79 -8.26 -19.03
N LYS B 38 5.56 -8.68 -18.77
CA LYS B 38 4.38 -7.83 -19.06
C LYS B 38 4.32 -6.57 -18.19
N HIS B 39 4.95 -6.61 -17.01
CA HIS B 39 5.03 -5.45 -16.11
C HIS B 39 6.39 -4.73 -16.20
N ALA B 40 7.26 -5.18 -17.11
CA ALA B 40 8.64 -4.71 -17.19
C ALA B 40 8.79 -3.22 -17.52
N ALA B 41 7.85 -2.66 -18.28
CA ALA B 41 7.90 -1.25 -18.64
C ALA B 41 7.83 -0.29 -17.44
N TYR B 42 7.22 -0.73 -16.33
CA TYR B 42 7.19 0.09 -15.11
C TYR B 42 7.91 -0.54 -13.91
N ALA B 43 8.23 -1.83 -13.98
CA ALA B 43 8.81 -2.54 -12.84
C ALA B 43 10.34 -2.46 -12.73
N TRP B 44 11.02 -2.17 -13.84
CA TRP B 44 12.49 -2.33 -13.92
C TRP B 44 13.31 -1.51 -12.90
N PRO B 45 12.90 -0.25 -12.57
CA PRO B 45 13.68 0.50 -11.56
C PRO B 45 13.74 -0.15 -10.17
N PHE B 46 12.83 -1.07 -9.89
CA PHE B 46 12.74 -1.74 -8.59
C PHE B 46 13.37 -3.13 -8.57
N TYR B 47 13.94 -3.57 -9.70
CA TYR B 47 14.56 -4.89 -9.80
C TYR B 47 15.78 -5.06 -8.92
N LYS B 48 16.55 -3.99 -8.76
CA LYS B 48 17.84 -4.03 -8.06
C LYS B 48 17.93 -2.87 -7.06
N PRO B 49 18.87 -2.96 -6.08
CA PRO B 49 19.04 -1.82 -5.16
C PRO B 49 19.35 -0.52 -5.91
N VAL B 50 18.85 0.60 -5.38
CA VAL B 50 19.18 1.91 -5.91
C VAL B 50 20.69 2.08 -5.91
N ASP B 51 21.25 2.41 -7.07
CA ASP B 51 22.67 2.64 -7.24
C ASP B 51 22.89 4.15 -7.08
N VAL B 52 23.18 4.56 -5.85
CA VAL B 52 23.29 5.98 -5.52
C VAL B 52 24.46 6.67 -6.26
N GLU B 53 25.54 5.93 -6.49
CA GLU B 53 26.69 6.47 -7.22
C GLU B 53 26.36 6.71 -8.69
N ALA B 54 25.73 5.73 -9.34
CA ALA B 54 25.38 5.84 -10.76
C ALA B 54 24.36 6.95 -11.01
N LEU B 55 23.43 7.11 -10.07
CA LEU B 55 22.36 8.10 -10.20
C LEU B 55 22.73 9.49 -9.64
N GLY B 56 23.82 9.55 -8.88
CA GLY B 56 24.27 10.80 -8.29
C GLY B 56 23.42 11.27 -7.12
N LEU B 57 22.86 10.33 -6.37
CA LEU B 57 21.98 10.65 -5.24
C LEU B 57 22.78 10.66 -3.95
N HIS B 58 23.50 11.76 -3.72
N HIS B 58 23.50 11.78 -3.73
CA HIS B 58 24.39 11.87 -2.56
CA HIS B 58 24.38 11.94 -2.58
C HIS B 58 23.67 12.05 -1.22
C HIS B 58 23.66 11.97 -1.24
N ASP B 59 22.36 12.30 -1.25
CA ASP B 59 21.56 12.42 -0.01
C ASP B 59 20.59 11.26 0.21
N TYR B 60 20.62 10.27 -0.67
CA TYR B 60 19.65 9.18 -0.62
C TYR B 60 19.68 8.48 0.73
N CYS B 61 20.86 8.08 1.16
CA CYS B 61 21.01 7.33 2.40
C CYS B 61 20.76 8.16 3.65
N ASP B 62 20.78 9.49 3.52
CA ASP B 62 20.42 10.40 4.61
C ASP B 62 18.90 10.54 4.75
N ILE B 63 18.18 10.29 3.66
CA ILE B 63 16.71 10.41 3.67
C ILE B 63 16.05 9.04 3.85
N ILE B 64 16.53 8.04 3.11
CA ILE B 64 15.99 6.69 3.16
C ILE B 64 16.86 5.83 4.06
N LYS B 65 16.31 5.42 5.19
CA LYS B 65 17.08 4.72 6.22
C LYS B 65 17.16 3.21 5.97
N HIS B 66 16.15 2.65 5.30
CA HIS B 66 16.08 1.21 5.04
C HIS B 66 15.78 0.90 3.57
N PRO B 67 16.82 1.00 2.71
CA PRO B 67 16.63 0.76 1.28
C PRO B 67 16.09 -0.64 1.00
N MET B 68 15.30 -0.79 -0.05
CA MET B 68 14.74 -2.09 -0.41
C MET B 68 14.40 -2.18 -1.89
N ASP B 69 14.49 -3.40 -2.41
CA ASP B 69 14.30 -3.66 -3.83
C ASP B 69 13.89 -5.12 -4.03
N MET B 70 13.47 -5.44 -5.25
CA MET B 70 12.89 -6.74 -5.54
C MET B 70 13.90 -7.89 -5.48
N SER B 71 15.17 -7.65 -5.83
CA SER B 71 16.21 -8.68 -5.72
C SER B 71 16.51 -9.03 -4.26
N THR B 72 16.65 -8.02 -3.41
CA THR B 72 16.82 -8.22 -1.98
C THR B 72 15.63 -8.95 -1.35
N ILE B 73 14.42 -8.69 -1.86
CA ILE B 73 13.23 -9.39 -1.38
C ILE B 73 13.24 -10.85 -1.81
N LYS B 74 13.64 -11.10 -3.05
CA LYS B 74 13.78 -12.45 -3.60
C LYS B 74 14.79 -13.28 -2.78
N SER B 75 15.92 -12.66 -2.43
CA SER B 75 16.96 -13.34 -1.65
C SER B 75 16.51 -13.64 -0.22
N LYS B 76 15.64 -12.79 0.32
CA LYS B 76 15.11 -12.99 1.68
C LYS B 76 14.09 -14.14 1.74
N LEU B 77 13.24 -14.25 0.73
CA LEU B 77 12.32 -15.39 0.59
C LEU B 77 13.06 -16.74 0.55
N GLU B 78 14.10 -16.81 -0.28
CA GLU B 78 14.84 -18.04 -0.51
C GLU B 78 15.68 -18.42 0.71
N ALA B 79 16.12 -17.42 1.47
CA ALA B 79 16.78 -17.64 2.75
C ALA B 79 15.79 -17.85 3.91
N ARG B 80 14.48 -17.90 3.60
CA ARG B 80 13.42 -18.10 4.59
C ARG B 80 13.43 -17.05 5.71
N GLU B 81 13.86 -15.83 5.38
CA GLU B 81 13.99 -14.77 6.38
C GLU B 81 12.66 -14.08 6.73
N TYR B 82 11.60 -14.37 5.98
CA TYR B 82 10.26 -13.86 6.30
C TYR B 82 9.46 -14.88 7.10
N ARG B 83 9.04 -14.49 8.31
CA ARG B 83 8.26 -15.37 9.18
C ARG B 83 6.86 -15.67 8.64
N ASP B 84 6.28 -14.68 7.96
CA ASP B 84 4.94 -14.83 7.39
C ASP B 84 4.74 -13.84 6.24
N ALA B 85 3.55 -13.87 5.62
CA ALA B 85 3.26 -13.02 4.45
C ALA B 85 3.22 -11.52 4.77
N GLN B 86 2.81 -11.16 5.99
N GLN B 86 2.81 -11.18 5.99
CA GLN B 86 2.74 -9.76 6.39
CA GLN B 86 2.74 -9.80 6.45
C GLN B 86 4.14 -9.13 6.49
C GLN B 86 4.13 -9.15 6.49
N GLU B 87 5.16 -9.95 6.78
CA GLU B 87 6.55 -9.48 6.75
C GLU B 87 7.04 -9.22 5.32
N PHE B 88 6.68 -10.11 4.40
CA PHE B 88 6.99 -9.95 2.98
C PHE B 88 6.30 -8.73 2.40
N GLY B 89 5.06 -8.51 2.81
CA GLY B 89 4.29 -7.36 2.36
C GLY B 89 4.85 -6.05 2.89
N ALA B 90 5.36 -6.07 4.12
CA ALA B 90 5.98 -4.88 4.71
C ALA B 90 7.22 -4.47 3.91
N ASP B 91 8.00 -5.46 3.46
CA ASP B 91 9.20 -5.16 2.67
C ASP B 91 8.87 -4.62 1.28
N VAL B 92 7.84 -5.17 0.63
CA VAL B 92 7.39 -4.67 -0.66
C VAL B 92 6.89 -3.22 -0.54
N ARG B 93 6.15 -2.92 0.51
CA ARG B 93 5.62 -1.57 0.70
C ARG B 93 6.71 -0.59 1.13
N LEU B 94 7.70 -1.07 1.89
CA LEU B 94 8.89 -0.25 2.19
C LEU B 94 9.57 0.20 0.90
N MET B 95 9.77 -0.74 -0.01
CA MET B 95 10.34 -0.45 -1.33
C MET B 95 9.59 0.70 -2.01
N PHE B 96 8.27 0.64 -2.03
CA PHE B 96 7.47 1.67 -2.70
C PHE B 96 7.48 2.97 -1.91
N SER B 97 7.29 2.87 -0.59
CA SER B 97 7.35 4.04 0.31
C SER B 97 8.65 4.84 0.17
N ASN B 98 9.78 4.13 0.08
CA ASN B 98 11.07 4.77 -0.16
C ASN B 98 11.04 5.65 -1.42
N CYS B 99 10.48 5.09 -2.48
CA CYS B 99 10.37 5.81 -3.74
C CYS B 99 9.51 7.08 -3.60
N TYR B 100 8.36 6.95 -2.93
CA TYR B 100 7.43 8.07 -2.74
C TYR B 100 8.00 9.12 -1.80
N LYS B 101 8.78 8.67 -0.82
CA LYS B 101 9.40 9.55 0.15
C LYS B 101 10.55 10.35 -0.44
N TYR B 102 11.42 9.69 -1.20
CA TYR B 102 12.59 10.36 -1.75
C TYR B 102 12.27 11.26 -2.94
N ASN B 103 11.35 10.84 -3.79
CA ASN B 103 11.08 11.56 -5.04
C ASN B 103 9.89 12.49 -4.88
N PRO B 104 9.87 13.57 -5.67
CA PRO B 104 8.69 14.44 -5.67
C PRO B 104 7.48 13.74 -6.32
N PRO B 105 6.25 14.16 -5.99
CA PRO B 105 5.04 13.44 -6.35
C PRO B 105 4.76 13.25 -7.85
N ASP B 106 5.18 14.22 -8.66
CA ASP B 106 4.96 14.18 -10.12
C ASP B 106 6.15 13.55 -10.89
N HIS B 107 7.08 12.96 -10.15
CA HIS B 107 8.23 12.29 -10.74
C HIS B 107 7.76 11.05 -11.49
N GLU B 108 8.39 10.77 -12.62
CA GLU B 108 8.04 9.64 -13.47
C GLU B 108 8.17 8.29 -12.75
N VAL B 109 9.18 8.17 -11.88
CA VAL B 109 9.42 6.91 -11.16
C VAL B 109 8.33 6.65 -10.10
N VAL B 110 7.71 7.71 -9.61
CA VAL B 110 6.59 7.58 -8.69
C VAL B 110 5.36 6.98 -9.40
N ALA B 111 5.06 7.45 -10.60
CA ALA B 111 3.96 6.89 -11.38
C ALA B 111 4.17 5.40 -11.63
N MET B 112 5.43 5.04 -11.92
CA MET B 112 5.81 3.66 -12.18
C MET B 112 5.64 2.80 -10.92
N ALA B 113 6.07 3.34 -9.78
CA ALA B 113 5.94 2.64 -8.50
C ALA B 113 4.46 2.33 -8.22
N ARG B 114 3.58 3.32 -8.39
N ARG B 114 3.62 3.34 -8.39
CA ARG B 114 2.17 3.10 -8.11
CA ARG B 114 2.17 3.20 -8.22
C ARG B 114 1.55 2.04 -9.04
C ARG B 114 1.60 2.05 -9.03
N LYS B 115 1.93 2.04 -10.33
CA LYS B 115 1.45 1.01 -11.25
C LYS B 115 1.87 -0.38 -10.80
N LEU B 116 3.12 -0.53 -10.36
CA LEU B 116 3.58 -1.81 -9.89
C LEU B 116 2.96 -2.13 -8.54
N GLN B 117 2.79 -1.12 -7.67
CA GLN B 117 2.10 -1.36 -6.39
C GLN B 117 0.67 -1.81 -6.60
N ASP B 118 -0.01 -1.26 -7.60
CA ASP B 118 -1.38 -1.72 -7.92
C ASP B 118 -1.42 -3.20 -8.26
N VAL B 119 -0.41 -3.67 -9.01
CA VAL B 119 -0.29 -5.11 -9.29
C VAL B 119 -0.10 -5.89 -7.99
N PHE B 120 0.86 -5.47 -7.18
CA PHE B 120 1.14 -6.16 -5.91
C PHE B 120 -0.07 -6.21 -4.97
N GLU B 121 -0.71 -5.06 -4.77
CA GLU B 121 -1.80 -4.99 -3.78
C GLU B 121 -2.98 -5.86 -4.18
N MET B 122 -3.22 -5.97 -5.49
CA MET B 122 -4.27 -6.82 -6.01
C MET B 122 -4.01 -8.31 -5.72
N ARG B 123 -2.79 -8.78 -6.02
CA ARG B 123 -2.45 -10.18 -5.82
C ARG B 123 -2.34 -10.53 -4.34
N PHE B 124 -1.76 -9.60 -3.58
CA PHE B 124 -1.62 -9.72 -2.14
C PHE B 124 -2.99 -9.78 -1.46
N ALA B 125 -3.94 -8.96 -1.94
CA ALA B 125 -5.31 -8.98 -1.41
C ALA B 125 -6.06 -10.28 -1.72
N LYS B 126 -5.77 -10.90 -2.86
CA LYS B 126 -6.48 -12.11 -3.30
C LYS B 126 -5.80 -13.44 -2.90
N MET B 127 -4.85 -13.36 -1.98
CA MET B 127 -4.15 -14.53 -1.46
C MET B 127 -5.11 -15.37 -0.60
N PRO B 128 -5.14 -16.70 -0.81
CA PRO B 128 -5.98 -17.55 0.03
C PRO B 128 -5.53 -17.61 1.50
N ASP B 129 -6.48 -17.58 2.44
CA ASP B 129 -6.18 -17.78 3.87
C ASP B 129 -7.43 -18.20 4.66
#